data_8SVB
#
_entry.id   8SVB
#
_entity_poly.entity_id   1
_entity_poly.type   'polypeptide(L)'
_entity_poly.pdbx_seq_one_letter_code
;GGGGPTPEYFLMPIDPAWLQANLPNTGKYN
;
_entity_poly.pdbx_strand_id   A
#
# COMPACT_ATOMS: atom_id res chain seq x y z
N GLY A 1 1.09 1.34 1.68
CA GLY A 1 0.42 1.81 0.48
C GLY A 1 1.38 2.08 -0.68
N GLY A 2 0.74 2.41 -1.85
CA GLY A 2 1.45 2.62 -3.10
C GLY A 2 1.09 1.49 -4.09
N GLY A 3 2.10 1.14 -4.96
CA GLY A 3 1.88 0.22 -6.05
C GLY A 3 3.19 -0.42 -6.54
N GLY A 4 3.44 -1.67 -6.05
CA GLY A 4 4.69 -2.37 -6.29
C GLY A 4 4.75 -3.66 -5.47
N PRO A 5 5.98 -4.24 -5.28
CA PRO A 5 6.15 -5.45 -4.47
C PRO A 5 6.19 -5.13 -2.95
N THR A 6 6.31 -6.26 -2.14
CA THR A 6 6.78 -6.17 -0.74
C THR A 6 5.71 -5.55 0.19
N PRO A 7 5.51 -6.11 1.44
CA PRO A 7 4.35 -5.68 2.23
C PRO A 7 4.54 -4.30 2.89
N GLU A 8 3.36 -3.66 3.24
CA GLU A 8 3.38 -2.21 3.52
C GLU A 8 4.19 -1.91 4.80
N TYR A 9 4.13 -2.90 5.75
CA TYR A 9 4.75 -2.78 7.07
C TYR A 9 6.29 -2.97 7.09
N PHE A 10 6.89 -3.04 5.86
CA PHE A 10 8.35 -3.05 5.73
C PHE A 10 8.89 -1.61 5.93
N LEU A 11 8.05 -0.60 5.52
CA LEU A 11 8.53 0.79 5.43
C LEU A 11 7.46 1.86 5.79
N MET A 12 6.15 1.54 5.55
CA MET A 12 5.07 2.39 6.06
C MET A 12 5.03 3.82 5.43
N PRO A 13 4.98 3.93 4.06
CA PRO A 13 4.98 5.25 3.44
C PRO A 13 3.61 5.96 3.58
N ILE A 14 3.70 7.33 3.40
CA ILE A 14 2.58 8.24 3.62
C ILE A 14 1.64 8.36 2.38
N ASP A 15 1.18 7.13 1.93
CA ASP A 15 0.00 7.02 1.07
C ASP A 15 -1.23 7.14 2.00
N PRO A 16 -2.17 8.12 1.73
CA PRO A 16 -3.41 8.22 2.50
C PRO A 16 -4.58 7.41 1.87
N ALA A 17 -4.43 7.13 0.53
CA ALA A 17 -5.52 6.60 -0.28
C ALA A 17 -5.73 5.10 -0.14
N TRP A 18 -4.63 4.35 0.26
CA TRP A 18 -4.66 2.90 0.12
C TRP A 18 -5.76 2.25 0.99
N LEU A 19 -6.20 3.02 2.03
CA LEU A 19 -7.11 2.53 3.05
C LEU A 19 -8.51 2.21 2.46
N GLN A 20 -8.83 2.87 1.30
CA GLN A 20 -10.05 2.57 0.54
C GLN A 20 -9.76 2.39 -0.96
N ALA A 21 -8.51 1.88 -1.26
CA ALA A 21 -8.16 1.46 -2.61
C ALA A 21 -8.70 0.02 -2.81
N ASN A 22 -10.07 -0.06 -2.93
CA ASN A 22 -10.81 -1.31 -2.68
C ASN A 22 -10.78 -2.31 -3.88
N LEU A 23 -9.58 -2.35 -4.55
CA LEU A 23 -9.23 -3.45 -5.45
C LEU A 23 -8.43 -4.46 -4.59
N PRO A 24 -8.14 -5.69 -5.14
CA PRO A 24 -7.27 -6.65 -4.44
C PRO A 24 -5.80 -6.18 -4.59
N ASN A 25 -5.48 -5.11 -3.77
CA ASN A 25 -4.26 -4.36 -3.97
C ASN A 25 -4.00 -3.38 -2.80
N THR A 26 -4.44 -3.80 -1.58
CA THR A 26 -4.03 -3.14 -0.35
C THR A 26 -2.73 -3.83 0.14
N GLY A 27 -1.95 -3.09 1.01
CA GLY A 27 -0.93 -3.74 1.81
C GLY A 27 0.44 -3.99 1.17
N LYS A 28 0.80 -3.15 0.14
CA LYS A 28 2.11 -3.28 -0.54
C LYS A 28 2.58 -1.90 -1.01
N TYR A 29 3.85 -1.77 -1.53
CA TYR A 29 4.39 -0.41 -1.73
C TYR A 29 5.43 -0.25 -2.87
N ASN A 30 5.82 1.05 -3.09
CA ASN A 30 6.88 1.43 -4.01
C ASN A 30 7.50 2.70 -3.60
N GLY A 1 0.48 -0.73 2.29
CA GLY A 1 -0.60 -0.68 1.31
C GLY A 1 -0.19 0.19 0.12
N GLY A 2 -0.97 0.01 -1.00
CA GLY A 2 -0.75 0.75 -2.23
C GLY A 2 -0.81 -0.19 -3.44
N GLY A 3 -0.43 0.41 -4.62
CA GLY A 3 -0.43 -0.32 -5.88
C GLY A 3 0.82 -1.19 -6.08
N GLY A 4 2.00 -0.62 -5.70
CA GLY A 4 3.30 -1.10 -6.14
C GLY A 4 3.83 -2.40 -5.47
N PRO A 5 5.19 -2.60 -5.48
CA PRO A 5 5.83 -3.82 -4.94
C PRO A 5 6.14 -3.75 -3.41
N THR A 6 6.79 -4.88 -2.90
CA THR A 6 7.51 -4.87 -1.60
C THR A 6 6.52 -4.87 -0.40
N PRO A 7 6.78 -5.70 0.67
CA PRO A 7 5.77 -5.86 1.72
C PRO A 7 5.66 -4.65 2.67
N GLU A 8 4.43 -4.50 3.29
CA GLU A 8 4.05 -3.18 3.80
C GLU A 8 4.85 -2.76 5.06
N TYR A 9 5.38 -3.81 5.77
CA TYR A 9 6.12 -3.61 7.01
C TYR A 9 7.60 -3.21 6.80
N PHE A 10 7.95 -2.79 5.53
CA PHE A 10 9.36 -2.47 5.25
C PHE A 10 9.74 -1.13 5.91
N LEU A 11 8.76 -0.14 5.87
CA LEU A 11 9.03 1.20 6.38
C LEU A 11 7.78 2.02 6.75
N MET A 12 6.63 1.28 6.99
CA MET A 12 5.43 1.89 7.59
C MET A 12 4.85 3.04 6.72
N PRO A 13 4.44 2.72 5.44
CA PRO A 13 4.11 3.77 4.48
C PRO A 13 2.69 4.35 4.65
N ILE A 14 2.62 5.69 4.33
CA ILE A 14 1.37 6.46 4.31
C ILE A 14 0.89 6.61 2.84
N ASP A 15 0.56 5.41 2.23
CA ASP A 15 -0.07 5.41 0.91
C ASP A 15 -1.54 5.89 1.07
N PRO A 16 -1.95 6.91 0.23
CA PRO A 16 -3.31 7.44 0.30
C PRO A 16 -4.31 6.73 -0.65
N ALA A 17 -3.74 5.92 -1.59
CA ALA A 17 -4.54 5.33 -2.67
C ALA A 17 -5.38 4.18 -2.14
N TRP A 18 -4.76 3.26 -1.31
CA TRP A 18 -5.49 2.07 -0.90
C TRP A 18 -6.68 2.45 0.03
N LEU A 19 -6.49 3.62 0.74
CA LEU A 19 -7.44 4.04 1.76
C LEU A 19 -8.76 4.47 1.09
N GLN A 20 -8.63 5.10 -0.13
CA GLN A 20 -9.78 5.59 -0.88
C GLN A 20 -10.31 4.59 -1.93
N ALA A 21 -9.37 3.77 -2.52
CA ALA A 21 -9.73 2.89 -3.64
C ALA A 21 -10.18 1.51 -3.14
N ASN A 22 -9.54 1.06 -1.99
CA ASN A 22 -9.99 -0.10 -1.23
C ASN A 22 -9.88 -1.44 -2.01
N LEU A 23 -8.86 -1.46 -2.94
CA LEU A 23 -8.76 -2.60 -3.84
C LEU A 23 -8.17 -3.80 -3.05
N PRO A 24 -8.50 -5.07 -3.48
CA PRO A 24 -8.05 -6.27 -2.75
C PRO A 24 -6.58 -6.58 -3.12
N ASN A 25 -5.67 -5.68 -2.58
CA ASN A 25 -4.29 -5.67 -3.01
C ASN A 25 -3.45 -4.75 -2.09
N THR A 26 -3.89 -4.72 -0.78
CA THR A 26 -3.03 -4.17 0.27
C THR A 26 -2.08 -5.30 0.75
N GLY A 27 -1.14 -4.92 1.68
CA GLY A 27 -0.11 -5.81 2.18
C GLY A 27 1.28 -5.51 1.59
N LYS A 28 1.29 -4.66 0.51
CA LYS A 28 2.50 -4.30 -0.25
C LYS A 28 2.28 -2.85 -0.75
N TYR A 29 3.34 -2.12 -1.23
CA TYR A 29 3.26 -0.65 -1.23
C TYR A 29 3.95 0.15 -2.37
N ASN A 30 3.81 1.53 -2.26
CA ASN A 30 4.56 2.46 -3.10
C ASN A 30 4.81 3.71 -2.36
N GLY A 1 0.33 0.64 0.89
CA GLY A 1 -0.97 0.87 0.29
C GLY A 1 -0.95 1.02 -1.24
N GLY A 2 0.11 1.73 -1.76
CA GLY A 2 0.15 2.25 -3.11
C GLY A 2 0.32 1.24 -4.28
N GLY A 3 0.97 1.78 -5.38
CA GLY A 3 1.07 1.05 -6.63
C GLY A 3 2.50 0.57 -6.92
N GLY A 4 2.59 -0.74 -7.31
CA GLY A 4 3.87 -1.39 -7.54
C GLY A 4 4.11 -2.49 -6.49
N PRO A 5 5.37 -3.03 -6.44
CA PRO A 5 5.69 -4.15 -5.56
C PRO A 5 5.99 -3.70 -4.10
N THR A 6 6.51 -4.68 -3.28
CA THR A 6 7.19 -4.37 -2.00
C THR A 6 6.16 -4.09 -0.89
N PRO A 7 6.15 -4.91 0.22
CA PRO A 7 5.02 -4.88 1.15
C PRO A 7 5.05 -3.65 2.07
N GLU A 8 3.82 -3.28 2.57
CA GLU A 8 3.62 -2.08 3.42
C GLU A 8 3.98 -2.32 4.92
N TYR A 9 5.10 -3.09 5.11
CA TYR A 9 5.76 -3.25 6.40
C TYR A 9 7.26 -3.55 6.21
N PHE A 10 7.77 -3.23 4.97
CA PHE A 10 9.22 -3.27 4.68
C PHE A 10 9.85 -1.93 5.13
N LEU A 11 9.13 -0.81 4.79
CA LEU A 11 9.37 0.49 5.40
C LEU A 11 8.10 0.78 6.22
N MET A 12 8.09 1.96 6.94
CA MET A 12 6.82 2.46 7.44
C MET A 12 6.10 3.08 6.23
N PRO A 13 4.77 2.79 6.05
CA PRO A 13 4.05 3.33 4.90
C PRO A 13 3.64 4.81 5.14
N ILE A 14 3.26 5.47 4.01
CA ILE A 14 2.81 6.86 3.98
C ILE A 14 1.52 7.00 3.14
N ASP A 15 0.73 5.86 3.17
CA ASP A 15 -0.28 5.61 2.15
C ASP A 15 -1.73 5.48 2.72
N PRO A 16 -2.17 6.26 3.78
CA PRO A 16 -3.27 5.79 4.62
C PRO A 16 -4.67 5.83 3.98
N ALA A 17 -4.78 6.62 2.86
CA ALA A 17 -6.03 6.77 2.13
C ALA A 17 -6.19 5.79 0.96
N TRP A 18 -5.44 4.62 1.00
CA TRP A 18 -5.42 3.77 -0.20
C TRP A 18 -6.77 3.07 -0.45
N LEU A 19 -7.55 2.90 0.68
CA LEU A 19 -8.87 2.27 0.64
C LEU A 19 -10.02 3.26 0.30
N GLN A 20 -9.63 4.48 -0.21
CA GLN A 20 -10.59 5.34 -0.89
C GLN A 20 -10.81 4.85 -2.34
N ALA A 21 -9.75 4.16 -2.90
CA ALA A 21 -9.92 3.41 -4.13
C ALA A 21 -10.24 1.94 -3.75
N ASN A 22 -10.77 1.18 -4.77
CA ASN A 22 -11.14 -0.22 -4.58
C ASN A 22 -9.92 -1.18 -4.70
N LEU A 23 -8.81 -0.80 -4.00
CA LEU A 23 -7.67 -1.69 -3.84
C LEU A 23 -7.89 -2.60 -2.62
N PRO A 24 -7.19 -3.79 -2.60
CA PRO A 24 -7.29 -4.70 -1.45
C PRO A 24 -6.32 -4.30 -0.31
N ASN A 25 -6.45 -5.07 0.82
CA ASN A 25 -5.60 -4.90 2.00
C ASN A 25 -4.40 -5.88 2.04
N THR A 26 -4.09 -6.50 0.87
CA THR A 26 -2.86 -7.25 0.66
C THR A 26 -1.77 -6.19 0.38
N GLY A 27 -1.20 -5.67 1.53
CA GLY A 27 -0.55 -4.38 1.46
C GLY A 27 0.80 -4.38 0.73
N LYS A 28 0.93 -3.39 -0.22
CA LYS A 28 2.11 -3.19 -1.04
C LYS A 28 2.18 -1.71 -1.43
N TYR A 29 3.42 -1.10 -1.48
CA TYR A 29 3.54 0.35 -1.73
C TYR A 29 4.13 0.71 -3.10
N ASN A 30 5.36 0.15 -3.39
CA ASN A 30 6.11 0.47 -4.59
C ASN A 30 7.39 -0.28 -4.60
N GLY A 1 -0.53 0.25 1.79
CA GLY A 1 0.02 1.30 0.93
C GLY A 1 -0.65 1.19 -0.46
N GLY A 2 -0.17 2.02 -1.43
CA GLY A 2 -0.92 2.19 -2.66
C GLY A 2 -0.90 0.97 -3.60
N GLY A 3 0.16 0.91 -4.47
CA GLY A 3 0.28 -0.14 -5.48
C GLY A 3 1.74 -0.37 -5.85
N GLY A 4 1.99 -1.61 -6.38
CA GLY A 4 3.35 -2.07 -6.66
C GLY A 4 3.58 -3.41 -5.93
N PRO A 5 4.88 -3.82 -5.76
CA PRO A 5 5.23 -5.04 -5.01
C PRO A 5 5.31 -4.77 -3.46
N THR A 6 5.90 -5.78 -2.73
CA THR A 6 6.56 -5.55 -1.43
C THR A 6 5.57 -5.38 -0.25
N PRO A 7 5.84 -6.06 0.93
CA PRO A 7 4.89 -5.99 2.03
C PRO A 7 4.90 -4.58 2.66
N GLU A 8 3.64 -4.08 2.96
CA GLU A 8 3.42 -2.63 2.88
C GLU A 8 4.13 -1.79 3.97
N TYR A 9 4.55 -2.51 5.07
CA TYR A 9 5.20 -1.86 6.20
C TYR A 9 6.71 -1.57 5.99
N PHE A 10 7.30 -2.06 4.84
CA PHE A 10 8.73 -2.37 4.86
C PHE A 10 9.61 -1.12 5.11
N LEU A 11 9.18 0.04 4.49
CA LEU A 11 9.82 1.33 4.74
C LEU A 11 8.81 2.35 5.31
N MET A 12 7.72 1.81 5.96
CA MET A 12 6.85 2.62 6.82
C MET A 12 6.18 3.82 6.08
N PRO A 13 5.44 3.57 4.95
CA PRO A 13 4.88 4.66 4.17
C PRO A 13 3.65 5.30 4.85
N ILE A 14 3.63 6.68 4.79
CA ILE A 14 2.52 7.49 5.30
C ILE A 14 1.47 7.70 4.18
N ASP A 15 0.97 6.54 3.66
CA ASP A 15 -0.11 6.49 2.66
C ASP A 15 -1.44 6.26 3.40
N PRO A 16 -2.38 7.27 3.36
CA PRO A 16 -3.76 7.07 3.80
C PRO A 16 -4.72 6.74 2.63
N ALA A 17 -4.22 7.00 1.36
CA ALA A 17 -5.09 7.02 0.20
C ALA A 17 -5.58 5.62 -0.21
N TRP A 18 -4.75 4.58 0.16
CA TRP A 18 -5.00 3.22 -0.30
C TRP A 18 -6.33 2.63 0.21
N LEU A 19 -6.87 3.28 1.30
CA LEU A 19 -8.09 2.85 1.96
C LEU A 19 -9.34 3.16 1.09
N GLN A 20 -9.14 4.01 0.02
CA GLN A 20 -10.18 4.30 -0.96
C GLN A 20 -9.68 3.96 -2.39
N ALA A 21 -8.69 3.01 -2.47
CA ALA A 21 -8.32 2.40 -3.73
C ALA A 21 -9.10 1.08 -3.88
N ASN A 22 -9.59 0.83 -5.13
CA ASN A 22 -10.41 -0.34 -5.47
C ASN A 22 -9.57 -1.57 -5.89
N LEU A 23 -8.41 -1.73 -5.17
CA LEU A 23 -7.61 -2.94 -5.31
C LEU A 23 -8.02 -3.91 -4.18
N PRO A 24 -7.67 -5.25 -4.30
CA PRO A 24 -8.05 -6.22 -3.25
C PRO A 24 -7.16 -6.12 -1.99
N ASN A 25 -6.04 -5.32 -2.16
CA ASN A 25 -5.50 -4.54 -1.04
C ASN A 25 -4.74 -5.33 0.05
N THR A 26 -4.29 -6.58 -0.34
CA THR A 26 -3.62 -7.49 0.61
C THR A 26 -2.12 -7.17 0.86
N GLY A 27 -1.80 -5.83 0.95
CA GLY A 27 -0.48 -5.39 1.34
C GLY A 27 0.46 -5.24 0.12
N LYS A 28 0.71 -3.94 -0.26
CA LYS A 28 1.52 -3.62 -1.45
C LYS A 28 1.87 -2.11 -1.48
N TYR A 29 3.00 -1.73 -2.16
CA TYR A 29 3.38 -0.32 -2.37
C TYR A 29 4.57 -0.18 -3.36
N ASN A 30 5.03 1.11 -3.55
CA ASN A 30 6.27 1.37 -4.30
C ASN A 30 6.98 2.50 -3.70
N GLY A 1 1.92 2.63 0.42
CA GLY A 1 2.59 3.38 -0.64
C GLY A 1 1.98 3.07 -2.01
N GLY A 2 0.60 3.09 -2.06
CA GLY A 2 -0.11 3.01 -3.32
C GLY A 2 -0.57 1.58 -3.65
N GLY A 3 -0.03 1.02 -4.80
CA GLY A 3 -0.46 -0.25 -5.33
C GLY A 3 0.63 -0.99 -6.12
N GLY A 4 0.59 -2.36 -6.02
CA GLY A 4 1.70 -3.21 -6.44
C GLY A 4 1.85 -4.36 -5.44
N PRO A 5 3.08 -4.94 -5.30
CA PRO A 5 3.36 -5.96 -4.27
C PRO A 5 3.75 -5.32 -2.92
N THR A 6 3.83 -6.21 -1.87
CA THR A 6 4.58 -5.92 -0.61
C THR A 6 3.89 -4.87 0.30
N PRO A 7 3.77 -5.12 1.66
CA PRO A 7 3.02 -4.19 2.50
C PRO A 7 3.78 -2.90 2.83
N GLU A 8 2.94 -1.81 3.12
CA GLU A 8 3.53 -0.47 3.23
C GLU A 8 4.57 -0.42 4.36
N TYR A 9 4.31 -1.22 5.46
CA TYR A 9 5.09 -1.10 6.70
C TYR A 9 6.56 -1.54 6.56
N PHE A 10 6.91 -2.10 5.36
CA PHE A 10 8.30 -2.47 5.05
C PHE A 10 9.14 -1.20 4.79
N LEU A 11 8.47 -0.18 4.13
CA LEU A 11 9.10 1.12 3.88
C LEU A 11 8.62 2.17 4.91
N MET A 12 7.27 2.13 5.20
CA MET A 12 6.62 2.97 6.20
C MET A 12 6.45 4.45 5.80
N PRO A 13 5.90 4.74 4.56
CA PRO A 13 5.58 6.11 4.20
C PRO A 13 4.23 6.55 4.83
N ILE A 14 3.97 7.90 4.73
CA ILE A 14 2.72 8.49 5.19
C ILE A 14 1.58 8.34 4.14
N ASP A 15 1.36 7.05 3.73
CA ASP A 15 0.19 6.66 2.95
C ASP A 15 -0.84 5.97 3.89
N PRO A 16 -1.88 6.74 4.37
CA PRO A 16 -3.02 6.13 5.07
C PRO A 16 -4.11 5.61 4.09
N ALA A 17 -3.98 6.04 2.79
CA ALA A 17 -4.97 5.73 1.77
C ALA A 17 -4.77 4.35 1.11
N TRP A 18 -3.68 3.61 1.54
CA TRP A 18 -3.24 2.47 0.73
C TRP A 18 -4.36 1.43 0.60
N LEU A 19 -5.19 1.31 1.68
CA LEU A 19 -6.23 0.28 1.76
C LEU A 19 -7.37 0.60 0.76
N GLN A 20 -7.72 1.94 0.67
CA GLN A 20 -8.77 2.35 -0.26
C GLN A 20 -8.25 2.45 -1.72
N ALA A 21 -6.90 2.51 -1.89
CA ALA A 21 -6.27 2.66 -3.20
C ALA A 21 -6.23 1.30 -3.97
N ASN A 22 -7.45 0.69 -4.13
CA ASN A 22 -7.91 0.24 -5.46
C ASN A 22 -7.18 -0.97 -6.07
N LEU A 23 -6.74 -1.91 -5.16
CA LEU A 23 -6.36 -3.27 -5.56
C LEU A 23 -6.66 -4.20 -4.36
N PRO A 24 -6.92 -5.53 -4.63
CA PRO A 24 -7.33 -6.44 -3.56
C PRO A 24 -6.13 -6.97 -2.73
N ASN A 25 -4.89 -6.58 -3.19
CA ASN A 25 -3.68 -7.28 -2.72
C ASN A 25 -3.47 -7.07 -1.21
N THR A 26 -4.00 -5.89 -0.71
CA THR A 26 -4.08 -5.58 0.73
C THR A 26 -2.71 -5.14 1.27
N GLY A 27 -1.70 -6.07 1.22
CA GLY A 27 -0.32 -5.67 1.36
C GLY A 27 0.20 -5.27 -0.03
N LYS A 28 0.45 -3.93 -0.21
CA LYS A 28 0.87 -3.40 -1.49
C LYS A 28 1.57 -2.02 -1.38
N TYR A 29 2.47 -1.76 -2.40
CA TYR A 29 3.07 -0.45 -2.62
C TYR A 29 3.63 -0.30 -4.05
N ASN A 30 3.92 0.99 -4.42
CA ASN A 30 4.68 1.35 -5.60
C ASN A 30 5.68 2.39 -5.27
N GLY A 1 0.11 1.99 -0.52
CA GLY A 1 -0.96 2.41 -1.41
C GLY A 1 -0.63 2.08 -2.86
N GLY A 2 -0.16 3.14 -3.61
CA GLY A 2 0.82 2.95 -4.67
C GLY A 2 0.59 1.97 -5.84
N GLY A 3 1.73 1.81 -6.62
CA GLY A 3 1.77 0.91 -7.77
C GLY A 3 3.16 0.29 -8.00
N GLY A 4 4.09 0.51 -7.02
CA GLY A 4 5.41 -0.11 -7.05
C GLY A 4 5.48 -1.36 -6.16
N PRO A 5 6.65 -2.08 -6.21
CA PRO A 5 6.83 -3.26 -5.38
C PRO A 5 7.24 -2.91 -3.92
N THR A 6 7.06 -3.95 -3.03
CA THR A 6 7.31 -3.87 -1.57
C THR A 6 5.97 -3.47 -0.90
N PRO A 7 5.50 -4.26 0.14
CA PRO A 7 4.12 -4.09 0.61
C PRO A 7 3.95 -2.90 1.58
N GLU A 8 2.65 -2.43 1.69
CA GLU A 8 2.28 -1.27 2.51
C GLU A 8 2.08 -1.59 4.02
N TYR A 9 2.91 -2.57 4.49
CA TYR A 9 3.02 -2.95 5.90
C TYR A 9 4.40 -3.63 6.14
N PHE A 10 5.38 -3.20 5.25
CA PHE A 10 6.81 -3.45 5.48
C PHE A 10 7.38 -2.37 6.43
N LEU A 11 6.71 -1.17 6.35
CA LEU A 11 6.93 -0.04 7.25
C LEU A 11 5.61 0.77 7.20
N MET A 12 5.61 2.01 7.78
CA MET A 12 4.49 2.94 7.56
C MET A 12 4.98 3.98 6.53
N PRO A 13 4.74 3.76 5.20
CA PRO A 13 5.19 4.70 4.18
C PRO A 13 4.22 5.90 4.07
N ILE A 14 4.71 6.97 3.36
CA ILE A 14 3.89 8.15 3.03
C ILE A 14 3.05 7.90 1.75
N ASP A 15 2.44 6.67 1.71
CA ASP A 15 1.70 6.16 0.55
C ASP A 15 0.58 5.24 1.12
N PRO A 16 -0.50 5.88 1.70
CA PRO A 16 -1.44 5.15 2.58
C PRO A 16 -2.61 4.48 1.83
N ALA A 17 -2.70 4.76 0.48
CA ALA A 17 -4.00 4.78 -0.19
C ALA A 17 -4.64 3.41 -0.50
N TRP A 18 -4.11 2.31 0.14
CA TRP A 18 -4.77 1.00 0.05
C TRP A 18 -6.02 0.93 0.94
N LEU A 19 -6.09 1.87 1.94
CA LEU A 19 -7.25 2.05 2.79
C LEU A 19 -8.14 3.22 2.26
N GLN A 20 -7.97 3.54 0.93
CA GLN A 20 -8.77 4.55 0.24
C GLN A 20 -9.23 4.01 -1.13
N ALA A 21 -9.29 2.64 -1.21
CA ALA A 21 -9.65 1.93 -2.43
C ALA A 21 -9.99 0.47 -2.04
N ASN A 22 -10.53 -0.29 -3.04
CA ASN A 22 -10.88 -1.70 -2.82
C ASN A 22 -9.66 -2.59 -3.14
N LEU A 23 -8.57 -2.41 -2.30
CA LEU A 23 -7.53 -3.42 -2.27
C LEU A 23 -7.95 -4.48 -1.22
N PRO A 24 -7.72 -5.81 -1.49
CA PRO A 24 -8.25 -6.84 -0.59
C PRO A 24 -7.31 -7.13 0.59
N ASN A 25 -5.97 -6.82 0.35
CA ASN A 25 -4.92 -7.01 1.35
C ASN A 25 -3.57 -6.60 0.73
N THR A 26 -3.51 -6.73 -0.64
CA THR A 26 -2.27 -6.63 -1.41
C THR A 26 -1.96 -5.14 -1.70
N GLY A 27 -1.67 -4.40 -0.58
CA GLY A 27 -1.14 -3.04 -0.67
C GLY A 27 0.36 -3.11 -0.98
N LYS A 28 0.82 -2.16 -1.89
CA LYS A 28 2.21 -2.13 -2.37
C LYS A 28 2.58 -0.70 -2.80
N TYR A 29 3.64 -0.12 -2.13
CA TYR A 29 3.89 1.32 -2.19
C TYR A 29 4.80 1.78 -3.35
N ASN A 30 4.95 3.15 -3.41
CA ASN A 30 5.85 3.83 -4.32
C ASN A 30 6.32 5.10 -3.74
N GLY A 1 -0.10 0.82 -0.28
CA GLY A 1 -1.38 0.95 -0.94
C GLY A 1 -1.34 0.78 -2.47
N GLY A 2 -0.53 1.66 -3.13
CA GLY A 2 -0.77 2.05 -4.50
C GLY A 2 -0.19 1.06 -5.53
N GLY A 3 1.17 1.16 -5.73
CA GLY A 3 1.83 0.30 -6.69
C GLY A 3 3.36 0.42 -6.66
N GLY A 4 3.99 -0.55 -7.41
CA GLY A 4 5.43 -0.69 -7.44
C GLY A 4 5.89 -1.79 -6.47
N PRO A 5 7.24 -2.10 -6.50
CA PRO A 5 7.80 -3.12 -5.62
C PRO A 5 8.25 -2.52 -4.27
N THR A 6 7.99 -3.35 -3.19
CA THR A 6 8.22 -3.05 -1.75
C THR A 6 6.84 -3.14 -1.07
N PRO A 7 6.70 -3.93 0.05
CA PRO A 7 5.40 -4.06 0.69
C PRO A 7 5.07 -2.84 1.58
N GLU A 8 3.73 -2.65 1.85
CA GLU A 8 3.22 -1.53 2.66
C GLU A 8 3.30 -1.82 4.20
N TYR A 9 4.30 -2.68 4.60
CA TYR A 9 4.42 -3.10 5.99
C TYR A 9 5.85 -3.58 6.36
N PHE A 10 6.86 -3.13 5.53
CA PHE A 10 8.27 -3.17 5.92
C PHE A 10 8.77 -1.75 6.28
N LEU A 11 7.80 -0.90 6.72
CA LEU A 11 8.02 0.46 7.19
C LEU A 11 6.65 0.90 7.78
N MET A 12 6.63 2.14 8.36
CA MET A 12 5.36 2.88 8.39
C MET A 12 5.39 3.66 7.06
N PRO A 13 4.53 3.29 6.05
CA PRO A 13 4.67 3.84 4.72
C PRO A 13 4.09 5.27 4.65
N ILE A 14 4.51 5.98 3.54
CA ILE A 14 4.00 7.33 3.24
C ILE A 14 2.90 7.31 2.13
N ASP A 15 2.42 6.04 1.87
CA ASP A 15 1.31 5.76 0.97
C ASP A 15 0.19 5.20 1.86
N PRO A 16 -0.89 6.01 2.13
CA PRO A 16 -2.03 5.54 2.89
C PRO A 16 -3.13 4.85 2.04
N ALA A 17 -2.90 4.77 0.68
CA ALA A 17 -3.97 4.54 -0.28
C ALA A 17 -4.38 3.06 -0.45
N TRP A 18 -4.26 2.27 0.66
CA TRP A 18 -5.03 1.03 0.77
C TRP A 18 -6.48 1.33 1.19
N LEU A 19 -6.70 2.51 1.88
CA LEU A 19 -7.94 2.70 2.62
C LEU A 19 -9.13 2.83 1.64
N GLN A 20 -8.89 3.62 0.54
CA GLN A 20 -9.90 3.94 -0.45
C GLN A 20 -9.91 2.94 -1.64
N ALA A 21 -9.17 1.80 -1.45
CA ALA A 21 -8.95 0.84 -2.52
C ALA A 21 -8.69 -0.55 -1.92
N ASN A 22 -9.52 -0.84 -0.86
CA ASN A 22 -9.32 -1.98 0.05
C ASN A 22 -9.71 -3.38 -0.51
N LEU A 23 -9.44 -3.54 -1.85
CA LEU A 23 -9.54 -4.83 -2.52
C LEU A 23 -8.20 -5.58 -2.31
N PRO A 24 -8.18 -6.94 -2.58
CA PRO A 24 -6.96 -7.74 -2.40
C PRO A 24 -5.95 -7.61 -3.58
N ASN A 25 -5.60 -6.31 -3.85
CA ASN A 25 -4.43 -5.94 -4.67
C ASN A 25 -3.82 -4.69 -3.99
N THR A 26 -3.87 -4.73 -2.62
CA THR A 26 -3.21 -3.79 -1.72
C THR A 26 -2.02 -4.53 -1.09
N GLY A 27 -1.25 -3.80 -0.22
CA GLY A 27 -0.12 -4.39 0.47
C GLY A 27 1.25 -4.11 -0.18
N LYS A 28 1.27 -3.22 -1.22
CA LYS A 28 2.50 -2.88 -1.94
C LYS A 28 2.58 -1.38 -2.24
N TYR A 29 3.84 -0.85 -2.38
CA TYR A 29 4.08 0.56 -2.76
C TYR A 29 5.53 0.68 -3.27
N ASN A 30 5.98 1.95 -3.55
CA ASN A 30 7.41 2.18 -3.77
C ASN A 30 7.76 3.59 -3.48
N GLY A 1 1.75 0.82 0.99
CA GLY A 1 0.80 1.67 0.30
C GLY A 1 1.45 2.18 -1.01
N GLY A 2 0.56 2.58 -1.97
CA GLY A 2 1.02 3.09 -3.26
C GLY A 2 0.91 1.98 -4.31
N GLY A 3 1.77 2.10 -5.38
CA GLY A 3 1.70 1.24 -6.55
C GLY A 3 3.09 0.93 -7.10
N GLY A 4 3.53 -0.35 -6.86
CA GLY A 4 4.86 -0.80 -7.21
C GLY A 4 5.09 -2.20 -6.63
N PRO A 5 6.39 -2.65 -6.53
CA PRO A 5 6.72 -3.94 -5.92
C PRO A 5 6.73 -3.86 -4.37
N THR A 6 7.13 -5.03 -3.74
CA THR A 6 7.64 -5.04 -2.36
C THR A 6 6.55 -4.83 -1.29
N PRO A 7 6.42 -5.77 -0.28
CA PRO A 7 5.24 -5.72 0.58
C PRO A 7 5.29 -4.61 1.66
N GLU A 8 4.05 -4.11 1.99
CA GLU A 8 3.89 -3.03 2.96
C GLU A 8 3.77 -3.64 4.38
N TYR A 9 4.98 -4.02 4.91
CA TYR A 9 5.15 -4.25 6.34
C TYR A 9 6.53 -3.82 6.86
N PHE A 10 7.52 -3.65 5.91
CA PHE A 10 8.88 -3.28 6.34
C PHE A 10 8.93 -1.84 6.90
N LEU A 11 7.96 -1.01 6.40
CA LEU A 11 7.74 0.34 6.91
C LEU A 11 6.23 0.65 6.81
N MET A 12 5.83 1.77 7.52
CA MET A 12 4.49 2.32 7.31
C MET A 12 4.62 3.33 6.15
N PRO A 13 3.59 3.38 5.23
CA PRO A 13 3.65 4.29 4.10
C PRO A 13 3.09 5.69 4.43
N ILE A 14 3.40 6.66 3.49
CA ILE A 14 2.76 7.98 3.48
C ILE A 14 1.56 7.98 2.49
N ASP A 15 0.81 6.83 2.51
CA ASP A 15 -0.38 6.62 1.69
C ASP A 15 -1.59 6.63 2.65
N PRO A 16 -2.42 7.72 2.60
CA PRO A 16 -3.73 7.71 3.26
C PRO A 16 -4.86 7.19 2.34
N ALA A 17 -4.54 7.13 1.00
CA ALA A 17 -5.55 6.89 -0.02
C ALA A 17 -6.02 5.44 -0.09
N TRP A 18 -5.11 4.48 0.33
CA TRP A 18 -5.43 3.06 0.11
C TRP A 18 -6.67 2.62 0.93
N LEU A 19 -6.96 3.43 2.01
CA LEU A 19 -8.05 3.16 2.94
C LEU A 19 -9.43 3.44 2.30
N GLN A 20 -9.42 4.32 1.23
CA GLN A 20 -10.63 4.61 0.46
C GLN A 20 -10.47 4.15 -1.01
N ALA A 21 -9.66 3.05 -1.17
CA ALA A 21 -9.58 2.32 -2.43
C ALA A 21 -10.54 1.11 -2.34
N ASN A 22 -10.42 0.20 -3.37
CA ASN A 22 -11.22 -1.03 -3.40
C ASN A 22 -10.43 -2.13 -4.14
N LEU A 23 -9.06 -2.03 -3.94
CA LEU A 23 -8.20 -3.19 -4.18
C LEU A 23 -8.10 -3.90 -2.81
N PRO A 24 -7.83 -5.24 -2.79
CA PRO A 24 -7.69 -5.96 -1.53
C PRO A 24 -6.29 -5.70 -0.92
N ASN A 25 -6.11 -6.19 0.36
CA ASN A 25 -4.95 -5.79 1.18
C ASN A 25 -3.63 -6.50 0.77
N THR A 26 -3.43 -6.66 -0.58
CA THR A 26 -2.16 -7.13 -1.14
C THR A 26 -1.21 -5.92 -1.15
N GLY A 27 -0.48 -5.78 0.01
CA GLY A 27 0.34 -4.60 0.21
C GLY A 27 1.51 -4.57 -0.78
N LYS A 28 1.82 -3.32 -1.25
CA LYS A 28 2.78 -3.08 -2.34
C LYS A 28 3.15 -1.59 -2.32
N TYR A 29 4.39 -1.18 -2.74
CA TYR A 29 4.77 0.23 -2.62
C TYR A 29 5.77 0.78 -3.65
N ASN A 30 5.87 2.17 -3.64
CA ASN A 30 6.76 2.91 -4.52
C ASN A 30 7.17 4.17 -3.88
N GLY A 1 0.60 0.69 -0.88
CA GLY A 1 0.67 2.13 -1.12
C GLY A 1 0.22 2.34 -2.57
N GLY A 2 0.89 3.33 -3.25
CA GLY A 2 0.45 3.76 -4.56
C GLY A 2 0.86 2.75 -5.64
N GLY A 3 2.21 2.75 -5.97
CA GLY A 3 2.74 1.89 -7.01
C GLY A 3 4.23 1.60 -6.84
N GLY A 4 4.66 0.48 -7.51
CA GLY A 4 5.98 -0.10 -7.30
C GLY A 4 5.82 -1.47 -6.61
N PRO A 5 6.91 -2.31 -6.62
CA PRO A 5 6.89 -3.61 -5.95
C PRO A 5 7.34 -3.52 -4.47
N THR A 6 6.72 -4.44 -3.64
CA THR A 6 6.91 -4.55 -2.17
C THR A 6 5.70 -3.86 -1.50
N PRO A 7 4.99 -4.55 -0.53
CA PRO A 7 3.78 -3.98 0.06
C PRO A 7 4.06 -3.04 1.25
N GLU A 8 2.98 -2.26 1.63
CA GLU A 8 3.03 -1.22 2.67
C GLU A 8 3.00 -1.82 4.12
N TYR A 9 3.66 -3.01 4.26
CA TYR A 9 3.94 -3.63 5.55
C TYR A 9 5.46 -3.52 5.86
N PHE A 10 6.28 -3.43 4.75
CA PHE A 10 7.73 -3.25 4.87
C PHE A 10 7.95 -1.74 5.08
N LEU A 11 7.72 -1.35 6.38
CA LEU A 11 7.44 0.03 6.77
C LEU A 11 6.00 0.39 6.31
N MET A 12 5.38 1.33 7.12
CA MET A 12 4.08 1.89 6.79
C MET A 12 4.36 3.35 6.38
N PRO A 13 4.29 3.68 5.05
CA PRO A 13 4.54 5.04 4.60
C PRO A 13 3.30 5.93 4.85
N ILE A 14 3.53 7.28 4.70
CA ILE A 14 2.44 8.27 4.76
C ILE A 14 1.71 8.39 3.40
N ASP A 15 1.49 7.18 2.78
CA ASP A 15 0.68 7.04 1.57
C ASP A 15 -0.77 6.78 2.07
N PRO A 16 -1.78 7.60 1.61
CA PRO A 16 -3.17 7.38 2.02
C PRO A 16 -3.92 6.35 1.14
N ALA A 17 -3.36 6.04 -0.07
CA ALA A 17 -4.15 5.45 -1.16
C ALA A 17 -4.56 3.99 -0.87
N TRP A 18 -3.73 3.31 -0.01
CA TRP A 18 -4.01 1.95 0.43
C TRP A 18 -5.01 1.86 1.59
N LEU A 19 -5.26 3.04 2.26
CA LEU A 19 -6.18 3.12 3.39
C LEU A 19 -7.63 3.40 2.93
N GLN A 20 -7.79 3.60 1.57
CA GLN A 20 -9.09 3.79 0.93
C GLN A 20 -9.16 2.88 -0.32
N ALA A 21 -8.39 1.73 -0.24
CA ALA A 21 -8.50 0.68 -1.22
C ALA A 21 -9.52 -0.37 -0.74
N ASN A 22 -9.88 -1.29 -1.70
CA ASN A 22 -10.87 -2.33 -1.48
C ASN A 22 -10.45 -3.64 -2.19
N LEU A 23 -9.09 -3.78 -2.32
CA LEU A 23 -8.47 -5.02 -2.76
C LEU A 23 -8.15 -5.85 -1.50
N PRO A 24 -8.01 -7.22 -1.65
CA PRO A 24 -7.78 -8.09 -0.49
C PRO A 24 -6.30 -8.03 -0.05
N ASN A 25 -5.95 -6.88 0.63
CA ASN A 25 -4.69 -6.69 1.33
C ASN A 25 -3.48 -6.62 0.36
N THR A 26 -3.81 -6.25 -0.93
CA THR A 26 -2.90 -6.37 -2.06
C THR A 26 -2.07 -5.08 -2.19
N GLY A 27 -1.22 -4.87 -1.13
CA GLY A 27 -0.37 -3.71 -1.06
C GLY A 27 0.79 -3.82 -2.08
N LYS A 28 1.25 -2.59 -2.52
CA LYS A 28 2.41 -2.48 -3.41
C LYS A 28 2.81 -0.99 -3.46
N TYR A 29 4.09 -0.67 -3.11
CA TYR A 29 4.62 0.70 -3.14
C TYR A 29 6.09 0.72 -3.60
N ASN A 30 6.67 1.96 -3.68
CA ASN A 30 8.05 2.19 -4.08
C ASN A 30 8.93 2.39 -2.90
N GLY A 1 0.36 1.45 0.61
CA GLY A 1 -1.01 1.32 0.17
C GLY A 1 -1.41 1.83 -1.22
N GLY A 2 -0.49 2.58 -1.92
CA GLY A 2 -0.94 3.38 -3.06
C GLY A 2 -1.13 2.63 -4.38
N GLY A 3 -0.18 1.67 -4.65
CA GLY A 3 -0.17 0.92 -5.89
C GLY A 3 1.21 0.34 -6.23
N GLY A 4 1.16 -0.76 -7.08
CA GLY A 4 2.36 -1.54 -7.38
C GLY A 4 2.37 -2.80 -6.51
N PRO A 5 3.57 -3.47 -6.37
CA PRO A 5 3.77 -4.55 -5.38
C PRO A 5 4.05 -3.96 -3.97
N THR A 6 4.47 -4.87 -3.01
CA THR A 6 5.27 -4.43 -1.84
C THR A 6 4.44 -3.68 -0.76
N PRO A 7 3.96 -4.39 0.33
CA PRO A 7 3.03 -3.77 1.26
C PRO A 7 3.68 -2.76 2.23
N GLU A 8 2.81 -1.86 2.82
CA GLU A 8 3.32 -0.66 3.50
C GLU A 8 3.98 -0.94 4.88
N TYR A 9 3.99 -2.23 5.35
CA TYR A 9 4.83 -2.58 6.50
C TYR A 9 6.32 -2.71 6.11
N PHE A 10 6.60 -2.77 4.77
CA PHE A 10 7.97 -2.71 4.26
C PHE A 10 8.40 -1.23 4.30
N LEU A 11 8.89 -0.84 5.53
CA LEU A 11 9.59 0.42 5.80
C LEU A 11 8.70 1.65 6.08
N MET A 12 7.35 1.40 6.19
CA MET A 12 6.47 2.30 6.96
C MET A 12 6.37 3.76 6.43
N PRO A 13 5.97 3.95 5.13
CA PRO A 13 5.72 5.29 4.62
C PRO A 13 4.38 5.85 5.15
N ILE A 14 4.24 7.21 5.00
CA ILE A 14 2.99 7.92 5.36
C ILE A 14 1.96 7.88 4.21
N ASP A 15 1.78 6.62 3.67
CA ASP A 15 0.79 6.31 2.64
C ASP A 15 -0.37 5.52 3.30
N PRO A 16 -1.56 6.17 3.52
CA PRO A 16 -2.71 5.48 4.09
C PRO A 16 -3.63 4.82 3.04
N ALA A 17 -3.22 4.84 1.73
CA ALA A 17 -4.18 4.68 0.64
C ALA A 17 -4.55 3.21 0.31
N TRP A 18 -4.38 2.30 1.34
CA TRP A 18 -4.85 0.92 1.24
C TRP A 18 -6.38 0.81 1.29
N LEU A 19 -7.03 1.91 1.80
CA LEU A 19 -8.47 2.02 1.84
C LEU A 19 -9.03 2.47 0.47
N GLN A 20 -8.17 3.22 -0.30
CA GLN A 20 -8.59 3.84 -1.55
C GLN A 20 -8.27 2.93 -2.75
N ALA A 21 -6.95 2.52 -2.87
CA ALA A 21 -6.53 1.68 -3.98
C ALA A 21 -6.80 0.21 -3.60
N ASN A 22 -8.13 -0.13 -3.60
CA ASN A 22 -8.70 -1.33 -2.98
C ASN A 22 -8.52 -2.63 -3.82
N LEU A 23 -7.27 -2.81 -4.35
CA LEU A 23 -6.89 -4.08 -4.95
C LEU A 23 -6.67 -5.10 -3.80
N PRO A 24 -6.84 -6.44 -4.08
CA PRO A 24 -6.96 -7.43 -2.99
C PRO A 24 -5.64 -7.91 -2.33
N ASN A 25 -4.58 -7.06 -2.49
CA ASN A 25 -3.39 -7.12 -1.64
C ASN A 25 -3.57 -6.23 -0.39
N THR A 26 -4.49 -5.21 -0.52
CA THR A 26 -4.78 -4.25 0.53
C THR A 26 -3.62 -3.25 0.60
N GLY A 27 -2.50 -3.66 1.27
CA GLY A 27 -1.29 -2.87 1.24
C GLY A 27 -0.44 -3.27 0.02
N LYS A 28 0.05 -2.23 -0.73
CA LYS A 28 0.96 -2.42 -1.88
C LYS A 28 1.40 -1.05 -2.42
N TYR A 29 2.65 -0.60 -2.05
CA TYR A 29 3.20 0.67 -2.55
C TYR A 29 4.49 0.47 -3.38
N ASN A 30 4.56 1.23 -4.52
CA ASN A 30 5.77 1.23 -5.33
C ASN A 30 5.68 2.26 -6.40
N GLY A 1 0.38 0.03 0.11
CA GLY A 1 -1.04 0.19 -0.15
C GLY A 1 -1.37 0.13 -1.65
N GLY A 2 -0.86 1.16 -2.39
CA GLY A 2 -1.38 1.52 -3.69
C GLY A 2 -0.85 0.63 -4.81
N GLY A 3 0.46 0.86 -5.16
CA GLY A 3 1.09 0.10 -6.22
C GLY A 3 2.58 0.38 -6.37
N GLY A 4 3.23 -0.58 -7.13
CA GLY A 4 4.68 -0.68 -7.19
C GLY A 4 5.11 -2.01 -6.55
N PRO A 5 6.46 -2.21 -6.38
CA PRO A 5 6.99 -3.41 -5.72
C PRO A 5 6.87 -3.31 -4.18
N THR A 6 7.35 -4.43 -3.49
CA THR A 6 7.74 -4.36 -2.07
C THR A 6 6.53 -4.18 -1.13
N PRO A 7 6.35 -5.08 -0.10
CA PRO A 7 5.15 -4.98 0.72
C PRO A 7 5.29 -3.81 1.74
N GLU A 8 4.10 -3.21 2.08
CA GLU A 8 4.12 -1.86 2.69
C GLU A 8 4.78 -1.84 4.09
N TYR A 9 4.74 -3.02 4.78
CA TYR A 9 5.31 -3.16 6.13
C TYR A 9 6.85 -3.20 6.20
N PHE A 10 7.52 -2.95 5.02
CA PHE A 10 8.99 -2.81 5.02
C PHE A 10 9.39 -1.42 5.58
N LEU A 11 8.43 -0.43 5.44
CA LEU A 11 8.63 0.91 5.98
C LEU A 11 7.44 1.41 6.84
N MET A 12 6.18 1.03 6.43
CA MET A 12 4.96 1.63 6.95
C MET A 12 4.81 3.11 6.48
N PRO A 13 4.81 3.34 5.12
CA PRO A 13 4.70 4.71 4.61
C PRO A 13 3.26 5.24 4.69
N ILE A 14 3.14 6.58 4.37
CA ILE A 14 1.84 7.26 4.29
C ILE A 14 1.14 6.93 2.94
N ASP A 15 0.90 5.59 2.74
CA ASP A 15 0.19 5.03 1.59
C ASP A 15 -1.10 4.34 2.13
N PRO A 16 -2.22 5.13 2.33
CA PRO A 16 -3.44 4.58 2.93
C PRO A 16 -4.45 4.09 1.87
N ALA A 17 -3.95 3.45 0.76
CA ALA A 17 -4.77 3.43 -0.45
C ALA A 17 -6.09 2.63 -0.31
N TRP A 18 -6.07 1.59 0.59
CA TRP A 18 -7.25 0.74 0.80
C TRP A 18 -8.36 1.42 1.64
N LEU A 19 -8.03 2.62 2.22
CA LEU A 19 -9.00 3.42 2.97
C LEU A 19 -9.62 4.53 2.09
N GLN A 20 -9.25 4.53 0.76
CA GLN A 20 -9.66 5.60 -0.14
C GLN A 20 -9.71 5.16 -1.62
N ALA A 21 -9.98 3.83 -1.80
CA ALA A 21 -10.15 3.22 -3.11
C ALA A 21 -10.67 1.79 -2.87
N ASN A 22 -11.22 1.17 -3.97
CA ASN A 22 -11.72 -0.21 -3.90
C ASN A 22 -10.61 -1.27 -4.09
N LEU A 23 -9.43 -1.00 -3.44
CA LEU A 23 -8.35 -1.97 -3.38
C LEU A 23 -8.41 -2.66 -2.00
N PRO A 24 -8.10 -4.00 -1.93
CA PRO A 24 -7.93 -4.65 -0.64
C PRO A 24 -6.52 -4.35 -0.09
N ASN A 25 -6.31 -4.68 1.22
CA ASN A 25 -5.06 -4.38 1.93
C ASN A 25 -3.90 -5.36 1.62
N THR A 26 -3.83 -5.80 0.30
CA THR A 26 -2.63 -6.46 -0.20
C THR A 26 -1.68 -5.30 -0.58
N GLY A 27 -0.92 -4.84 0.47
CA GLY A 27 -0.27 -3.54 0.42
C GLY A 27 1.14 -3.60 -0.20
N LYS A 28 1.37 -2.74 -1.24
CA LYS A 28 2.68 -2.61 -1.92
C LYS A 28 2.78 -1.18 -2.48
N TYR A 29 4.03 -0.68 -2.76
CA TYR A 29 4.23 0.78 -2.82
C TYR A 29 5.37 1.21 -3.77
N ASN A 30 5.51 2.58 -3.93
CA ASN A 30 6.52 3.15 -4.81
C ASN A 30 6.98 4.43 -4.24
N GLY A 1 0.74 0.32 0.76
CA GLY A 1 -0.68 0.40 0.51
C GLY A 1 -1.08 0.63 -0.96
N GLY A 2 -0.28 1.48 -1.68
CA GLY A 2 -0.75 2.07 -2.91
C GLY A 2 -0.71 1.14 -4.13
N GLY A 3 0.33 0.24 -4.15
CA GLY A 3 0.56 -0.65 -5.27
C GLY A 3 2.04 -0.88 -5.59
N GLY A 4 2.29 -2.11 -6.17
CA GLY A 4 3.64 -2.61 -6.41
C GLY A 4 3.84 -3.90 -5.61
N PRO A 5 5.02 -4.59 -5.83
CA PRO A 5 5.21 -5.94 -5.27
C PRO A 5 5.71 -6.01 -3.82
N THR A 6 6.44 -4.93 -3.39
CA THR A 6 7.09 -4.96 -2.08
C THR A 6 6.07 -4.60 -0.96
N PRO A 7 6.25 -5.17 0.28
CA PRO A 7 5.28 -4.95 1.35
C PRO A 7 5.55 -3.60 2.05
N GLU A 8 4.44 -3.00 2.61
CA GLU A 8 4.55 -1.62 3.10
C GLU A 8 5.38 -1.54 4.39
N TYR A 9 5.39 -2.68 5.16
CA TYR A 9 6.19 -2.78 6.38
C TYR A 9 7.71 -3.00 6.15
N PHE A 10 8.17 -2.68 4.89
CA PHE A 10 9.60 -2.53 4.60
C PHE A 10 10.08 -1.13 5.07
N LEU A 11 9.11 -0.14 5.05
CA LEU A 11 9.39 1.23 5.49
C LEU A 11 8.34 1.82 6.47
N MET A 12 7.04 1.43 6.28
CA MET A 12 5.90 2.00 6.98
C MET A 12 5.52 3.42 6.47
N PRO A 13 5.20 3.55 5.13
CA PRO A 13 4.63 4.80 4.63
C PRO A 13 3.13 4.89 5.02
N ILE A 14 2.54 6.10 4.69
CA ILE A 14 1.20 6.48 5.15
C ILE A 14 0.14 6.43 4.02
N ASP A 15 0.26 5.33 3.18
CA ASP A 15 -0.52 5.26 1.95
C ASP A 15 -2.04 5.16 2.27
N PRO A 16 -2.89 6.09 1.69
CA PRO A 16 -4.32 6.10 2.08
C PRO A 16 -5.18 5.17 1.20
N ALA A 17 -4.63 4.86 -0.04
CA ALA A 17 -5.51 4.57 -1.18
C ALA A 17 -6.28 3.25 -1.04
N TRP A 18 -5.70 2.34 -0.20
CA TRP A 18 -6.27 1.01 0.07
C TRP A 18 -7.39 1.01 1.13
N LEU A 19 -7.57 2.18 1.82
CA LEU A 19 -8.60 2.36 2.84
C LEU A 19 -9.82 3.12 2.27
N GLN A 20 -9.65 3.74 1.05
CA GLN A 20 -10.60 4.73 0.57
C GLN A 20 -10.71 4.80 -0.97
N ALA A 21 -10.32 3.66 -1.64
CA ALA A 21 -10.47 3.50 -3.08
C ALA A 21 -10.23 2.02 -3.44
N ASN A 22 -10.55 1.69 -4.74
CA ASN A 22 -10.61 0.29 -5.17
C ASN A 22 -9.22 -0.33 -5.49
N LEU A 23 -8.19 0.04 -4.64
CA LEU A 23 -6.92 -0.66 -4.69
C LEU A 23 -7.05 -1.91 -3.80
N PRO A 24 -6.39 -3.06 -4.19
CA PRO A 24 -6.66 -4.32 -3.49
C PRO A 24 -5.99 -4.26 -2.09
N ASN A 25 -6.78 -4.72 -1.06
CA ASN A 25 -6.65 -4.14 0.28
C ASN A 25 -5.61 -4.87 1.17
N THR A 26 -4.52 -5.37 0.53
CA THR A 26 -3.29 -5.74 1.24
C THR A 26 -2.37 -4.49 1.28
N GLY A 27 -1.32 -4.57 2.16
CA GLY A 27 -0.42 -3.43 2.34
C GLY A 27 0.87 -3.62 1.50
N LYS A 28 0.80 -3.11 0.22
CA LYS A 28 1.88 -3.28 -0.75
C LYS A 28 2.18 -1.96 -1.48
N TYR A 29 3.50 -1.73 -1.78
CA TYR A 29 3.97 -0.48 -2.40
C TYR A 29 5.19 -0.80 -3.29
N ASN A 30 5.70 0.26 -4.00
CA ASN A 30 7.09 0.25 -4.50
C ASN A 30 7.50 1.62 -4.85
N GLY A 1 1.21 0.27 2.35
CA GLY A 1 0.32 1.27 1.80
C GLY A 1 -0.57 0.70 0.68
N GLY A 2 -1.11 1.66 -0.15
CA GLY A 2 -1.95 1.30 -1.28
C GLY A 2 -1.20 1.03 -2.59
N GLY A 3 -0.14 1.86 -2.88
CA GLY A 3 0.48 1.92 -4.19
C GLY A 3 1.96 1.51 -4.22
N GLY A 4 2.33 0.82 -5.36
CA GLY A 4 3.69 0.33 -5.60
C GLY A 4 3.76 -1.21 -5.55
N PRO A 5 5.03 -1.76 -5.56
CA PRO A 5 5.30 -3.18 -5.26
C PRO A 5 5.55 -3.39 -3.73
N THR A 6 5.87 -4.68 -3.34
CA THR A 6 6.59 -4.97 -2.06
C THR A 6 5.77 -4.68 -0.77
N PRO A 7 5.57 -5.69 0.15
CA PRO A 7 4.57 -5.52 1.20
C PRO A 7 5.02 -4.55 2.32
N GLU A 8 4.00 -3.78 2.87
CA GLU A 8 4.27 -2.60 3.71
C GLU A 8 4.41 -2.89 5.21
N TYR A 9 4.99 -4.12 5.51
CA TYR A 9 5.58 -4.37 6.83
C TYR A 9 7.09 -4.09 6.87
N PHE A 10 7.73 -3.91 5.66
CA PHE A 10 9.16 -3.58 5.62
C PHE A 10 9.35 -2.07 5.89
N LEU A 11 8.48 -1.25 5.20
CA LEU A 11 8.39 0.19 5.44
C LEU A 11 6.90 0.55 5.24
N MET A 12 6.46 1.61 6.01
CA MET A 12 5.14 2.21 5.79
C MET A 12 5.41 3.51 5.00
N PRO A 13 4.77 3.69 3.80
CA PRO A 13 4.93 4.90 3.01
C PRO A 13 3.96 6.00 3.51
N ILE A 14 4.14 7.23 2.92
CA ILE A 14 3.19 8.32 3.13
C ILE A 14 1.97 8.22 2.17
N ASP A 15 1.46 6.94 2.03
CA ASP A 15 0.29 6.71 1.20
C ASP A 15 -0.95 7.07 2.05
N PRO A 16 -1.97 7.77 1.43
CA PRO A 16 -3.24 8.02 2.12
C PRO A 16 -4.29 6.93 1.78
N ALA A 17 -3.87 6.02 0.83
CA ALA A 17 -4.80 5.28 -0.01
C ALA A 17 -4.93 3.78 0.33
N TRP A 18 -4.52 3.39 1.58
CA TRP A 18 -4.31 1.96 1.87
C TRP A 18 -5.64 1.17 1.86
N LEU A 19 -6.75 1.88 2.27
CA LEU A 19 -8.10 1.33 2.24
C LEU A 19 -9.01 2.04 1.22
N GLN A 20 -8.38 2.96 0.41
CA GLN A 20 -9.09 3.63 -0.68
C GLN A 20 -8.93 2.80 -1.98
N ALA A 21 -7.65 2.35 -2.23
CA ALA A 21 -7.37 1.43 -3.33
C ALA A 21 -7.76 0.00 -2.88
N ASN A 22 -9.11 -0.15 -2.64
CA ASN A 22 -9.72 -1.32 -1.99
C ASN A 22 -9.88 -2.56 -2.89
N LEU A 23 -8.81 -2.80 -3.72
CA LEU A 23 -8.60 -4.14 -4.27
C LEU A 23 -7.91 -4.96 -3.16
N PRO A 24 -7.93 -6.34 -3.27
CA PRO A 24 -7.38 -7.16 -2.19
C PRO A 24 -5.85 -7.13 -2.16
N ASN A 25 -5.26 -6.81 -3.36
CA ASN A 25 -3.81 -6.62 -3.49
C ASN A 25 -3.45 -5.17 -3.06
N THR A 26 -3.88 -4.83 -1.80
CA THR A 26 -3.39 -3.65 -1.07
C THR A 26 -2.25 -4.12 -0.15
N GLY A 27 -1.70 -3.17 0.67
CA GLY A 27 -0.73 -3.50 1.68
C GLY A 27 0.70 -3.57 1.15
N LYS A 28 1.04 -2.65 0.19
CA LYS A 28 2.37 -2.58 -0.43
C LYS A 28 2.83 -1.12 -0.59
N TYR A 29 4.07 -0.86 -1.12
CA TYR A 29 4.66 0.48 -0.98
C TYR A 29 5.52 1.01 -2.14
N ASN A 30 5.73 2.38 -2.08
CA ASN A 30 6.43 3.13 -3.11
C ASN A 30 7.48 3.98 -2.51
N GLY A 1 1.84 0.30 0.46
CA GLY A 1 0.78 1.14 -0.08
C GLY A 1 1.17 1.56 -1.51
N GLY A 2 0.10 1.71 -2.36
CA GLY A 2 0.31 2.20 -3.70
C GLY A 2 0.67 1.06 -4.67
N GLY A 3 1.95 1.13 -5.19
CA GLY A 3 2.43 0.21 -6.22
C GLY A 3 3.92 -0.12 -6.07
N GLY A 4 4.30 -1.28 -6.70
CA GLY A 4 5.63 -1.84 -6.58
C GLY A 4 5.55 -3.27 -6.01
N PRO A 5 6.74 -3.91 -5.73
CA PRO A 5 6.77 -5.30 -5.25
C PRO A 5 6.86 -5.48 -3.72
N THR A 6 7.38 -4.42 -3.02
CA THR A 6 7.88 -4.57 -1.64
C THR A 6 6.68 -4.46 -0.67
N PRO A 7 6.53 -5.40 0.32
CA PRO A 7 5.31 -5.40 1.15
C PRO A 7 5.37 -4.37 2.29
N GLU A 8 4.15 -3.84 2.66
CA GLU A 8 4.02 -2.78 3.67
C GLU A 8 3.91 -3.32 5.12
N TYR A 9 4.78 -4.36 5.43
CA TYR A 9 5.04 -4.71 6.83
C TYR A 9 6.35 -4.09 7.37
N PHE A 10 7.16 -3.47 6.43
CA PHE A 10 8.39 -2.79 6.83
C PHE A 10 8.05 -1.38 7.36
N LEU A 11 7.07 -0.73 6.65
CA LEU A 11 6.49 0.56 7.02
C LEU A 11 5.29 0.78 6.06
N MET A 12 4.46 1.82 6.41
CA MET A 12 3.44 2.30 5.51
C MET A 12 3.98 3.61 4.90
N PRO A 13 3.75 3.83 3.56
CA PRO A 13 4.10 5.10 2.93
C PRO A 13 2.92 6.10 3.12
N ILE A 14 3.10 7.31 2.49
CA ILE A 14 2.03 8.32 2.43
C ILE A 14 0.99 7.95 1.32
N ASP A 15 0.36 6.73 1.52
CA ASP A 15 -0.78 6.28 0.72
C ASP A 15 -2.07 6.55 1.54
N PRO A 16 -2.83 7.67 1.19
CA PRO A 16 -4.15 7.88 1.79
C PRO A 16 -5.26 7.09 1.06
N ALA A 17 -4.93 6.60 -0.18
CA ALA A 17 -5.93 5.89 -0.97
C ALA A 17 -6.26 4.52 -0.35
N TRP A 18 -5.29 3.96 0.43
CA TRP A 18 -5.48 2.62 1.02
C TRP A 18 -6.62 2.68 2.07
N LEU A 19 -6.85 3.91 2.64
CA LEU A 19 -7.91 4.15 3.60
C LEU A 19 -9.27 4.47 2.93
N GLN A 20 -9.37 4.17 1.60
CA GLN A 20 -10.60 4.33 0.82
C GLN A 20 -10.74 3.14 -0.16
N ALA A 21 -9.79 3.09 -1.16
CA ALA A 21 -9.74 2.03 -2.16
C ALA A 21 -8.98 0.81 -1.61
N ASN A 22 -9.54 0.25 -0.48
CA ASN A 22 -8.98 -0.92 0.21
C ASN A 22 -9.43 -2.20 -0.53
N LEU A 23 -8.91 -2.30 -1.82
CA LEU A 23 -9.06 -3.51 -2.60
C LEU A 23 -7.94 -4.50 -2.21
N PRO A 24 -8.14 -5.85 -2.46
CA PRO A 24 -7.19 -6.87 -2.01
C PRO A 24 -5.99 -7.05 -2.98
N ASN A 25 -5.35 -5.88 -3.31
CA ASN A 25 -4.13 -5.81 -4.11
C ASN A 25 -3.34 -4.53 -3.75
N THR A 26 -3.61 -4.07 -2.48
CA THR A 26 -2.96 -2.93 -1.82
C THR A 26 -1.86 -3.51 -0.89
N GLY A 27 -1.28 -2.65 0.03
CA GLY A 27 -0.40 -3.22 1.06
C GLY A 27 1.00 -3.62 0.56
N LYS A 28 1.42 -2.99 -0.60
CA LYS A 28 2.77 -3.16 -1.13
C LYS A 28 3.20 -1.84 -1.79
N TYR A 29 4.53 -1.55 -1.75
CA TYR A 29 5.13 -0.28 -2.19
C TYR A 29 6.38 -0.58 -3.05
N ASN A 30 7.10 0.52 -3.47
CA ASN A 30 8.36 0.39 -4.19
C ASN A 30 9.46 -0.03 -3.31
N GLY A 1 0.50 0.11 0.44
CA GLY A 1 -0.70 0.78 -0.05
C GLY A 1 -1.02 0.42 -1.51
N GLY A 2 -1.45 1.48 -2.28
CA GLY A 2 -1.86 1.37 -3.66
C GLY A 2 -0.76 1.74 -4.65
N GLY A 3 -0.04 2.88 -4.37
CA GLY A 3 1.01 3.34 -5.24
C GLY A 3 2.33 2.63 -4.96
N GLY A 4 3.06 2.29 -6.09
CA GLY A 4 4.41 1.73 -5.99
C GLY A 4 4.50 0.19 -5.96
N PRO A 5 5.77 -0.34 -5.81
CA PRO A 5 6.07 -1.78 -5.68
C PRO A 5 6.16 -2.27 -4.20
N THR A 6 6.49 -3.60 -4.02
CA THR A 6 7.05 -4.11 -2.73
C THR A 6 6.07 -4.11 -1.53
N PRO A 7 5.82 -5.28 -0.84
CA PRO A 7 4.63 -5.38 0.01
C PRO A 7 4.66 -4.53 1.30
N GLU A 8 3.39 -4.20 1.78
CA GLU A 8 3.20 -3.24 2.88
C GLU A 8 3.35 -3.86 4.29
N TYR A 9 4.02 -5.06 4.33
CA TYR A 9 4.51 -5.68 5.56
C TYR A 9 6.04 -5.87 5.53
N PHE A 10 6.69 -5.25 4.48
CA PHE A 10 8.15 -5.10 4.45
C PHE A 10 8.50 -3.74 5.09
N LEU A 11 7.85 -2.64 4.55
CA LEU A 11 7.84 -1.34 5.21
C LEU A 11 6.38 -0.84 5.15
N MET A 12 6.07 0.18 6.04
CA MET A 12 4.76 0.82 6.00
C MET A 12 4.78 1.91 4.90
N PRO A 13 3.60 2.23 4.29
CA PRO A 13 3.53 3.25 3.25
C PRO A 13 3.29 4.65 3.84
N ILE A 14 3.52 5.67 2.95
CA ILE A 14 2.97 7.02 3.16
C ILE A 14 2.11 7.32 1.90
N ASP A 15 1.13 6.38 1.69
CA ASP A 15 0.13 6.43 0.61
C ASP A 15 -1.15 6.96 1.29
N PRO A 16 -1.71 8.12 0.81
CA PRO A 16 -2.98 8.63 1.34
C PRO A 16 -4.22 8.08 0.58
N ALA A 17 -3.96 7.56 -0.66
CA ALA A 17 -5.04 7.22 -1.59
C ALA A 17 -5.63 5.82 -1.37
N TRP A 18 -4.81 4.90 -0.76
CA TRP A 18 -5.10 3.47 -0.93
C TRP A 18 -6.43 3.00 -0.30
N LEU A 19 -6.94 3.83 0.67
CA LEU A 19 -8.13 3.48 1.44
C LEU A 19 -9.40 3.56 0.55
N GLN A 20 -9.27 4.34 -0.58
CA GLN A 20 -10.34 4.43 -1.58
C GLN A 20 -10.23 3.38 -2.69
N ALA A 21 -9.08 2.61 -2.70
CA ALA A 21 -8.87 1.56 -3.68
C ALA A 21 -9.24 0.17 -3.12
N ASN A 22 -9.43 -0.80 -4.07
CA ASN A 22 -9.83 -2.16 -3.76
C ASN A 22 -8.64 -3.08 -3.41
N LEU A 23 -7.86 -2.62 -2.37
CA LEU A 23 -6.91 -3.53 -1.74
C LEU A 23 -7.69 -4.45 -0.76
N PRO A 24 -7.18 -5.71 -0.50
CA PRO A 24 -7.97 -6.68 0.26
C PRO A 24 -7.85 -6.51 1.79
N ASN A 25 -6.70 -5.86 2.20
CA ASN A 25 -6.52 -5.47 3.61
C ASN A 25 -5.26 -4.57 3.66
N THR A 26 -4.25 -4.95 2.84
CA THR A 26 -3.00 -4.21 2.66
C THR A 26 -2.58 -4.43 1.19
N GLY A 27 -1.49 -3.71 0.75
CA GLY A 27 -1.02 -3.78 -0.61
C GLY A 27 0.51 -3.71 -0.68
N LYS A 28 1.01 -2.76 -1.53
CA LYS A 28 2.46 -2.58 -1.77
C LYS A 28 2.79 -1.07 -1.75
N TYR A 29 4.02 -0.71 -1.24
CA TYR A 29 4.32 0.66 -0.80
C TYR A 29 4.91 1.63 -1.83
N ASN A 30 4.71 2.96 -1.52
CA ASN A 30 5.22 4.05 -2.33
C ASN A 30 6.51 4.54 -1.81
N GLY A 1 1.71 1.04 0.13
CA GLY A 1 1.10 2.08 -0.68
C GLY A 1 0.53 1.54 -2.01
N GLY A 2 0.35 2.52 -2.98
CA GLY A 2 -0.63 2.35 -4.02
C GLY A 2 -0.27 1.28 -5.05
N GLY A 3 1.00 1.37 -5.58
CA GLY A 3 1.41 0.53 -6.69
C GLY A 3 2.93 0.54 -6.92
N GLY A 4 3.42 -0.63 -7.44
CA GLY A 4 4.84 -0.90 -7.57
C GLY A 4 5.16 -2.24 -6.88
N PRO A 5 6.48 -2.60 -6.77
CA PRO A 5 6.89 -3.80 -6.05
C PRO A 5 6.99 -3.57 -4.51
N THR A 6 7.27 -4.72 -3.78
CA THR A 6 7.82 -4.67 -2.40
C THR A 6 6.80 -4.18 -1.35
N PRO A 7 6.65 -4.89 -0.18
CA PRO A 7 5.56 -4.54 0.75
C PRO A 7 5.90 -3.28 1.58
N GLU A 8 4.90 -2.32 1.61
CA GLU A 8 5.10 -1.03 2.30
C GLU A 8 4.81 -1.16 3.81
N TYR A 9 4.16 -2.30 4.19
CA TYR A 9 3.85 -2.63 5.58
C TYR A 9 5.02 -3.35 6.30
N PHE A 10 6.27 -3.03 5.80
CA PHE A 10 7.53 -3.28 6.50
C PHE A 10 8.35 -1.96 6.48
N LEU A 11 7.58 -0.82 6.44
CA LEU A 11 8.11 0.54 6.55
C LEU A 11 7.05 1.45 7.21
N MET A 12 5.77 1.33 6.70
CA MET A 12 4.62 2.10 7.18
C MET A 12 4.66 3.60 6.81
N PRO A 13 4.71 3.93 5.47
CA PRO A 13 4.50 5.32 5.05
C PRO A 13 2.99 5.66 5.08
N ILE A 14 2.73 7.00 4.84
CA ILE A 14 1.38 7.56 4.92
C ILE A 14 0.73 7.76 3.52
N ASP A 15 0.84 6.68 2.67
CA ASP A 15 0.02 6.60 1.45
C ASP A 15 -1.33 5.95 1.86
N PRO A 16 -2.48 6.69 1.70
CA PRO A 16 -3.78 6.15 2.04
C PRO A 16 -4.40 5.23 0.95
N ALA A 17 -3.68 5.05 -0.21
CA ALA A 17 -4.37 4.65 -1.43
C ALA A 17 -4.92 3.21 -1.32
N TRP A 18 -4.12 2.33 -0.61
CA TRP A 18 -4.56 0.93 -0.44
C TRP A 18 -5.66 0.78 0.64
N LEU A 19 -5.75 1.82 1.53
CA LEU A 19 -6.84 1.87 2.53
C LEU A 19 -8.13 2.40 1.86
N GLN A 20 -7.95 3.34 0.86
CA GLN A 20 -9.10 3.91 0.16
C GLN A 20 -9.67 2.83 -0.79
N ALA A 21 -8.73 2.15 -1.53
CA ALA A 21 -9.07 1.02 -2.38
C ALA A 21 -8.96 -0.29 -1.56
N ASN A 22 -9.81 -0.37 -0.49
CA ASN A 22 -9.91 -1.51 0.43
C ASN A 22 -10.69 -2.73 -0.15
N LEU A 23 -10.31 -3.04 -1.44
CA LEU A 23 -10.55 -4.38 -1.98
C LEU A 23 -9.50 -5.32 -1.30
N PRO A 24 -9.51 -6.66 -1.64
CA PRO A 24 -8.45 -7.56 -1.16
C PRO A 24 -7.14 -7.17 -1.87
N ASN A 25 -6.45 -6.18 -1.20
CA ASN A 25 -5.41 -5.35 -1.80
C ASN A 25 -4.20 -5.37 -0.83
N THR A 26 -2.99 -5.22 -1.44
CA THR A 26 -1.75 -5.11 -0.66
C THR A 26 -1.31 -3.64 -0.66
N GLY A 27 -0.42 -3.31 0.34
CA GLY A 27 0.28 -2.04 0.34
C GLY A 27 1.72 -2.31 -0.15
N LYS A 28 2.05 -1.70 -1.33
CA LYS A 28 3.35 -1.85 -2.03
C LYS A 28 3.95 -0.45 -2.27
N TYR A 29 5.18 -0.33 -2.85
CA TYR A 29 5.79 1.00 -3.02
C TYR A 29 6.71 1.11 -4.26
N ASN A 30 7.31 2.34 -4.44
CA ASN A 30 7.91 2.69 -5.73
C ASN A 30 8.92 3.76 -5.58
N GLY A 1 3.15 2.24 0.89
CA GLY A 1 2.13 3.14 0.35
C GLY A 1 2.20 3.19 -1.18
N GLY A 2 1.04 3.61 -1.78
CA GLY A 2 0.99 3.88 -3.20
C GLY A 2 0.72 2.58 -3.97
N GLY A 3 1.61 2.29 -4.98
CA GLY A 3 1.48 1.10 -5.81
C GLY A 3 2.85 0.56 -6.22
N GLY A 4 2.87 -0.79 -6.49
CA GLY A 4 4.05 -1.51 -6.90
C GLY A 4 4.08 -2.89 -6.25
N PRO A 5 5.16 -3.70 -6.55
CA PRO A 5 5.17 -5.12 -6.16
C PRO A 5 5.69 -5.40 -4.74
N THR A 6 6.57 -4.48 -4.23
CA THR A 6 7.25 -4.73 -2.95
C THR A 6 6.31 -4.34 -1.78
N PRO A 7 6.38 -5.10 -0.63
CA PRO A 7 5.42 -4.91 0.45
C PRO A 7 5.83 -3.76 1.40
N GLU A 8 4.78 -3.07 1.97
CA GLU A 8 5.04 -1.86 2.77
C GLU A 8 5.42 -2.13 4.24
N TYR A 9 5.55 -3.44 4.63
CA TYR A 9 6.10 -3.75 5.96
C TYR A 9 7.63 -3.62 6.04
N PHE A 10 8.25 -3.10 4.92
CA PHE A 10 9.66 -2.70 4.93
C PHE A 10 9.81 -1.23 5.40
N LEU A 11 8.68 -0.45 5.32
CA LEU A 11 8.71 1.00 5.59
C LEU A 11 7.63 1.47 6.60
N MET A 12 6.37 0.95 6.42
CA MET A 12 5.27 1.21 7.34
C MET A 12 4.73 2.67 7.37
N PRO A 13 4.46 3.29 6.15
CA PRO A 13 3.88 4.63 6.14
C PRO A 13 2.36 4.60 6.42
N ILE A 14 1.87 5.80 6.88
CA ILE A 14 0.43 6.04 7.12
C ILE A 14 -0.23 6.64 5.85
N ASP A 15 0.00 5.91 4.70
CA ASP A 15 -0.69 6.23 3.44
C ASP A 15 -2.06 5.50 3.44
N PRO A 16 -3.21 6.25 3.27
CA PRO A 16 -4.52 5.62 3.10
C PRO A 16 -4.93 5.41 1.62
N ALA A 17 -4.12 5.96 0.66
CA ALA A 17 -4.71 6.57 -0.53
C ALA A 17 -5.36 5.55 -1.50
N TRP A 18 -4.83 4.27 -1.44
CA TRP A 18 -5.36 3.21 -2.30
C TRP A 18 -6.70 2.64 -1.80
N LEU A 19 -7.08 2.98 -0.52
CA LEU A 19 -8.33 2.54 0.09
C LEU A 19 -9.51 3.50 -0.25
N GLN A 20 -9.25 4.40 -1.26
CA GLN A 20 -10.32 5.11 -1.94
C GLN A 20 -10.97 4.20 -3.01
N ALA A 21 -10.15 3.19 -3.50
CA ALA A 21 -10.71 2.09 -4.27
C ALA A 21 -11.04 0.93 -3.31
N ASN A 22 -11.84 -0.06 -3.82
CA ASN A 22 -12.23 -1.24 -3.05
C ASN A 22 -11.16 -2.36 -3.04
N LEU A 23 -9.87 -1.91 -2.83
CA LEU A 23 -8.77 -2.84 -2.60
C LEU A 23 -8.62 -3.06 -1.08
N PRO A 24 -7.96 -4.20 -0.67
CA PRO A 24 -7.71 -4.47 0.74
C PRO A 24 -6.46 -3.70 1.25
N ASN A 25 -6.23 -3.79 2.60
CA ASN A 25 -5.10 -3.13 3.26
C ASN A 25 -3.78 -3.93 3.19
N THR A 26 -3.57 -4.61 2.00
CA THR A 26 -2.34 -5.31 1.70
C THR A 26 -1.33 -4.25 1.21
N GLY A 27 -0.57 -3.67 2.21
CA GLY A 27 0.26 -2.52 1.91
C GLY A 27 1.41 -2.90 0.97
N LYS A 28 1.62 -2.01 -0.05
CA LYS A 28 2.51 -2.30 -1.18
C LYS A 28 3.06 -0.97 -1.75
N TYR A 29 4.29 -1.02 -2.34
CA TYR A 29 4.96 0.15 -2.92
C TYR A 29 5.93 -0.29 -4.03
N ASN A 30 6.46 0.75 -4.76
CA ASN A 30 7.51 0.59 -5.76
C ASN A 30 8.85 0.89 -5.19
N GLY A 1 0.89 1.65 0.77
CA GLY A 1 -0.43 1.88 0.22
C GLY A 1 -0.53 2.61 -1.12
N GLY A 2 0.62 2.71 -1.85
CA GLY A 2 0.74 3.42 -3.10
C GLY A 2 0.71 2.51 -4.33
N GLY A 3 1.06 3.15 -5.49
CA GLY A 3 1.22 2.46 -6.76
C GLY A 3 2.69 2.11 -7.00
N GLY A 4 3.06 0.86 -6.56
CA GLY A 4 4.45 0.43 -6.62
C GLY A 4 4.64 -0.98 -6.04
N PRO A 5 5.94 -1.40 -5.87
CA PRO A 5 6.27 -2.72 -5.34
C PRO A 5 6.28 -2.76 -3.80
N THR A 6 6.42 -4.05 -3.27
CA THR A 6 6.89 -4.29 -1.89
C THR A 6 5.85 -3.89 -0.81
N PRO A 7 5.59 -4.77 0.22
CA PRO A 7 4.49 -4.48 1.13
C PRO A 7 4.81 -3.30 2.08
N GLU A 8 3.73 -2.57 2.51
CA GLU A 8 3.96 -1.30 3.21
C GLU A 8 4.53 -1.51 4.62
N TYR A 9 4.27 -2.73 5.18
CA TYR A 9 4.85 -3.15 6.47
C TYR A 9 6.31 -3.64 6.39
N PHE A 10 6.97 -3.40 5.20
CA PHE A 10 8.42 -3.55 5.05
C PHE A 10 9.13 -2.25 5.50
N LEU A 11 8.38 -1.09 5.38
CA LEU A 11 8.87 0.20 5.85
C LEU A 11 7.81 0.83 6.78
N MET A 12 6.84 1.58 6.16
CA MET A 12 5.67 2.08 6.88
C MET A 12 4.65 2.63 5.85
N PRO A 13 3.32 2.70 6.22
CA PRO A 13 2.28 3.15 5.28
C PRO A 13 2.16 4.69 5.27
N ILE A 14 3.24 5.33 4.69
CA ILE A 14 3.26 6.78 4.49
C ILE A 14 2.66 7.25 3.13
N ASP A 15 1.92 6.30 2.49
CA ASP A 15 1.28 6.51 1.20
C ASP A 15 -0.11 5.81 1.15
N PRO A 16 -1.04 6.12 2.12
CA PRO A 16 -2.21 5.26 2.37
C PRO A 16 -3.41 5.41 1.39
N ALA A 17 -3.09 5.35 0.06
CA ALA A 17 -4.11 5.50 -0.98
C ALA A 17 -4.92 4.21 -1.26
N TRP A 18 -4.28 3.02 -0.92
CA TRP A 18 -4.73 1.78 -1.55
C TRP A 18 -6.20 1.42 -1.27
N LEU A 19 -6.71 1.90 -0.09
CA LEU A 19 -7.95 1.38 0.49
C LEU A 19 -9.12 1.55 -0.50
N GLN A 20 -9.11 2.74 -1.20
CA GLN A 20 -10.16 3.12 -2.14
C GLN A 20 -9.61 3.14 -3.59
N ALA A 21 -8.67 2.16 -3.86
CA ALA A 21 -7.99 2.12 -5.15
C ALA A 21 -7.59 0.70 -5.59
N ASN A 22 -7.25 -0.18 -4.59
CA ASN A 22 -6.82 -1.55 -4.89
C ASN A 22 -7.55 -2.57 -3.99
N LEU A 23 -8.70 -2.10 -3.39
CA LEU A 23 -9.34 -2.78 -2.26
C LEU A 23 -8.37 -2.73 -1.04
N PRO A 24 -8.85 -3.08 0.20
CA PRO A 24 -7.97 -2.98 1.37
C PRO A 24 -6.97 -4.15 1.49
N ASN A 25 -7.16 -5.16 0.57
CA ASN A 25 -6.66 -6.52 0.81
C ASN A 25 -5.12 -6.64 0.79
N THR A 26 -4.44 -5.70 0.05
CA THR A 26 -3.05 -5.91 -0.34
C THR A 26 -2.37 -4.54 -0.48
N GLY A 27 -1.74 -4.10 0.66
CA GLY A 27 -1.00 -2.85 0.69
C GLY A 27 0.43 -3.09 0.19
N LYS A 28 0.92 -2.08 -0.62
CA LYS A 28 2.27 -2.06 -1.17
C LYS A 28 2.65 -0.60 -1.43
N TYR A 29 3.97 -0.25 -1.20
CA TYR A 29 4.35 1.17 -1.21
C TYR A 29 4.55 1.70 -2.65
N ASN A 30 4.71 3.07 -2.73
CA ASN A 30 4.70 3.72 -4.04
C ASN A 30 5.99 3.52 -4.74
N GLY A 1 1.89 1.00 0.02
CA GLY A 1 1.06 2.04 -0.55
C GLY A 1 0.43 1.56 -1.86
N GLY A 2 0.55 2.45 -2.91
CA GLY A 2 -0.22 2.28 -4.13
C GLY A 2 0.33 1.18 -5.05
N GLY A 3 1.70 1.12 -5.16
CA GLY A 3 2.31 0.27 -6.17
C GLY A 3 3.83 0.08 -6.05
N GLY A 4 4.28 -1.09 -6.65
CA GLY A 4 5.66 -1.53 -6.64
C GLY A 4 5.85 -2.81 -5.81
N PRO A 5 7.09 -3.41 -5.86
CA PRO A 5 7.38 -4.62 -5.09
C PRO A 5 7.81 -4.31 -3.64
N THR A 6 7.43 -5.28 -2.72
CA THR A 6 7.68 -5.23 -1.26
C THR A 6 6.43 -4.64 -0.57
N PRO A 7 5.86 -5.38 0.46
CA PRO A 7 4.64 -4.92 1.12
C PRO A 7 4.92 -3.84 2.18
N GLU A 8 3.86 -3.02 2.47
CA GLU A 8 3.96 -1.87 3.38
C GLU A 8 3.84 -2.28 4.88
N TYR A 9 4.77 -3.21 5.27
CA TYR A 9 5.14 -3.40 6.67
C TYR A 9 6.67 -3.45 6.88
N PHE A 10 7.43 -3.25 5.74
CA PHE A 10 8.89 -3.03 5.82
C PHE A 10 9.20 -1.52 5.94
N LEU A 11 8.18 -0.69 5.55
CA LEU A 11 8.20 0.76 5.71
C LEU A 11 6.72 1.20 5.68
N MET A 12 6.47 2.45 6.19
CA MET A 12 5.14 3.04 6.24
C MET A 12 5.21 4.40 5.51
N PRO A 13 4.82 4.45 4.19
CA PRO A 13 5.04 5.65 3.37
C PRO A 13 3.91 6.69 3.45
N ILE A 14 2.88 6.38 4.31
CA ILE A 14 1.75 7.26 4.63
C ILE A 14 0.83 7.59 3.43
N ASP A 15 0.83 6.59 2.46
CA ASP A 15 -0.12 6.51 1.35
C ASP A 15 -1.32 5.68 1.86
N PRO A 16 -2.56 6.27 1.92
CA PRO A 16 -3.74 5.56 2.39
C PRO A 16 -4.55 4.84 1.28
N ALA A 17 -3.92 4.60 0.08
CA ALA A 17 -4.76 4.44 -1.12
C ALA A 17 -5.69 3.22 -1.04
N TRP A 18 -5.20 2.13 -0.36
CA TRP A 18 -5.99 0.89 -0.28
C TRP A 18 -7.16 0.95 0.72
N LEU A 19 -7.15 2.01 1.62
CA LEU A 19 -8.26 2.24 2.52
C LEU A 19 -9.38 3.03 1.80
N GLN A 20 -9.00 3.65 0.63
CA GLN A 20 -9.98 4.26 -0.27
C GLN A 20 -10.43 3.19 -1.28
N ALA A 21 -9.45 2.74 -2.15
CA ALA A 21 -9.69 1.70 -3.13
C ALA A 21 -9.65 0.32 -2.44
N ASN A 22 -10.81 0.02 -1.75
CA ASN A 22 -10.98 -1.15 -0.87
C ASN A 22 -11.23 -2.45 -1.67
N LEU A 23 -10.49 -2.60 -2.81
CA LEU A 23 -10.40 -3.84 -3.56
C LEU A 23 -9.16 -4.62 -3.01
N PRO A 24 -8.96 -5.92 -3.43
CA PRO A 24 -7.86 -6.72 -2.88
C PRO A 24 -6.49 -6.29 -3.47
N ASN A 25 -6.01 -5.12 -2.93
CA ASN A 25 -4.86 -4.41 -3.46
C ASN A 25 -4.15 -3.66 -2.33
N THR A 26 -3.87 -4.47 -1.24
CA THR A 26 -3.33 -3.99 0.03
C THR A 26 -1.93 -3.37 -0.18
N GLY A 27 -1.34 -2.73 0.89
CA GLY A 27 -0.22 -1.84 0.64
C GLY A 27 1.09 -2.55 0.18
N LYS A 28 1.61 -2.05 -1.00
CA LYS A 28 2.96 -2.41 -1.50
C LYS A 28 3.59 -1.12 -2.07
N TYR A 29 4.95 -1.06 -2.20
CA TYR A 29 5.62 0.24 -2.42
C TYR A 29 6.86 0.13 -3.32
N ASN A 30 7.56 1.31 -3.49
CA ASN A 30 8.76 1.38 -4.32
C ASN A 30 9.68 2.40 -3.77
N GLY A 1 0.24 0.70 -0.56
CA GLY A 1 -0.98 0.91 -1.34
C GLY A 1 -0.85 0.83 -2.86
N GLY A 2 -0.03 1.78 -3.42
CA GLY A 2 -0.12 2.14 -4.83
C GLY A 2 0.53 1.19 -5.86
N GLY A 3 0.94 1.82 -7.02
CA GLY A 3 1.47 1.07 -8.14
C GLY A 3 3.00 1.07 -8.17
N GLY A 4 3.60 0.05 -7.48
CA GLY A 4 5.05 0.01 -7.33
C GLY A 4 5.53 -1.22 -6.57
N PRO A 5 6.88 -1.28 -6.29
CA PRO A 5 7.48 -2.41 -5.59
C PRO A 5 7.36 -2.31 -4.05
N THR A 6 7.74 -3.47 -3.39
CA THR A 6 8.03 -3.51 -1.95
C THR A 6 6.73 -3.44 -1.11
N PRO A 7 6.56 -4.33 -0.07
CA PRO A 7 5.24 -4.45 0.53
C PRO A 7 4.90 -3.31 1.51
N GLU A 8 3.54 -3.10 1.70
CA GLU A 8 3.00 -2.03 2.57
C GLU A 8 2.93 -2.45 4.06
N TYR A 9 3.95 -3.28 4.46
CA TYR A 9 4.18 -3.70 5.83
C TYR A 9 5.69 -4.03 6.03
N PHE A 10 6.51 -3.38 5.13
CA PHE A 10 7.99 -3.38 5.25
C PHE A 10 8.44 -2.24 6.20
N LEU A 11 7.51 -1.22 6.31
CA LEU A 11 7.66 -0.09 7.22
C LEU A 11 6.21 0.42 7.43
N MET A 12 6.05 1.61 8.11
CA MET A 12 4.75 2.30 8.09
C MET A 12 4.83 3.27 6.89
N PRO A 13 4.14 2.95 5.74
CA PRO A 13 4.29 3.74 4.53
C PRO A 13 3.40 5.01 4.56
N ILE A 14 3.70 5.95 3.60
CA ILE A 14 2.90 7.16 3.37
C ILE A 14 1.97 6.98 2.13
N ASP A 15 1.57 5.67 1.93
CA ASP A 15 0.90 5.20 0.71
C ASP A 15 0.15 3.92 1.14
N PRO A 16 -1.09 4.09 1.75
CA PRO A 16 -1.87 2.91 2.19
C PRO A 16 -2.84 2.41 1.10
N ALA A 17 -3.47 3.38 0.36
CA ALA A 17 -4.55 3.16 -0.61
C ALA A 17 -5.89 2.70 0.02
N TRP A 18 -5.83 1.71 0.96
CA TRP A 18 -7.04 1.01 1.42
C TRP A 18 -7.92 1.84 2.37
N LEU A 19 -7.46 3.10 2.67
CA LEU A 19 -8.27 4.08 3.39
C LEU A 19 -9.04 5.02 2.43
N GLN A 20 -8.88 4.78 1.08
CA GLN A 20 -9.48 5.64 0.06
C GLN A 20 -9.67 4.97 -1.31
N ALA A 21 -9.73 3.60 -1.28
CA ALA A 21 -9.93 2.80 -2.48
C ALA A 21 -10.22 1.35 -2.05
N ASN A 22 -10.91 0.60 -2.97
CA ASN A 22 -11.26 -0.80 -2.75
C ASN A 22 -10.14 -1.77 -3.19
N LEU A 23 -8.87 -1.41 -2.81
CA LEU A 23 -7.76 -2.35 -2.96
C LEU A 23 -7.71 -3.21 -1.68
N PRO A 24 -7.65 -4.58 -1.81
CA PRO A 24 -7.50 -5.43 -0.64
C PRO A 24 -6.00 -5.46 -0.24
N ASN A 25 -5.75 -5.99 1.01
CA ASN A 25 -4.47 -5.73 1.67
C ASN A 25 -3.28 -6.62 1.19
N THR A 26 -3.31 -6.99 -0.14
CA THR A 26 -2.14 -7.57 -0.82
C THR A 26 -1.25 -6.37 -1.24
N GLY A 27 -0.62 -5.78 -0.15
CA GLY A 27 -0.19 -4.40 -0.23
C GLY A 27 1.25 -4.24 -0.69
N LYS A 28 1.45 -3.22 -1.59
CA LYS A 28 2.77 -2.82 -2.11
C LYS A 28 2.71 -1.33 -2.46
N TYR A 29 3.78 -0.55 -2.11
CA TYR A 29 3.74 0.93 -2.21
C TYR A 29 4.41 1.47 -3.49
N ASN A 30 4.45 2.85 -3.57
CA ASN A 30 5.08 3.55 -4.68
C ASN A 30 5.66 4.83 -4.25
#